data_2V6J
#
_entry.id   2V6J
#
_cell.length_a   88.570
_cell.length_b   88.570
_cell.length_c   138.579
_cell.angle_alpha   90.00
_cell.angle_beta   90.00
_cell.angle_gamma   120.00
#
_symmetry.space_group_name_H-M   'P 31 2 1'
#
loop_
_entity.id
_entity.type
_entity.pdbx_description
1 polymer 'RNA HELICASE'
2 water water
#
_entity_poly.entity_id   1
_entity_poly.type   'polypeptide(L)'
_entity_poly.pdbx_seq_one_letter_code
;KRELTVLDLHPGAGKTRRVLPQLVREAVKKRLRTVILAPTRVVASETYEALRGEPIRYMTPAVQSERTGNEIVDFMCHST
FTMKLLQGVRVPNYNLYIMDEAHFLDPASVAARGYIETRVSMGDAGAIFMTATPPGTTEAFPPSNSPIIDEETRIPDKAW
NSGYEWITEFDGRTVWFVHSIKQGAEIGTCLQKAGKKVLYLNRKTFESEYPKCKSEKWDFVITTDISEMGANFKADRVID
PRKTIKPILLDGRVSMQGPIAITPASAAQRRGRIGRNPEKLGDIYAYSGNVSSDNEGHVSWTEARMLLDNVHVQGGVVAQ
LYTPEREKTEAYEGEFKLKTNQRKVFSELIRTGDLPVWLAFQVASANVEYHDRKWCFDGPNEHLLLENNQEIEVWTRQGQ
RRVLKPRWLDGRITSDHLNLKSFKEFASGKR
;
_entity_poly.pdbx_strand_id   A
#
# COMPACT_ATOMS: atom_id res chain seq x y z
N ARG A 2 14.92 23.89 3.85
CA ARG A 2 13.89 24.91 4.20
C ARG A 2 12.51 24.32 4.48
N GLU A 3 11.78 24.03 3.40
CA GLU A 3 10.33 23.85 3.44
C GLU A 3 9.83 22.42 3.32
N LEU A 4 8.74 22.10 4.03
CA LEU A 4 7.90 20.95 3.67
C LEU A 4 6.70 21.47 2.88
N THR A 5 6.77 21.30 1.56
CA THR A 5 5.69 21.72 0.67
C THR A 5 4.75 20.55 0.38
N VAL A 6 3.46 20.79 0.57
CA VAL A 6 2.43 19.85 0.14
C VAL A 6 1.84 20.38 -1.16
N LEU A 7 2.06 19.67 -2.26
CA LEU A 7 1.39 20.03 -3.50
C LEU A 7 0.29 19.03 -3.89
N ASP A 8 -0.94 19.54 -3.86
CA ASP A 8 -2.14 18.73 -4.10
C ASP A 8 -2.52 18.75 -5.59
N LEU A 9 -1.92 17.83 -6.34
CA LEU A 9 -2.24 17.68 -7.75
C LEU A 9 -3.31 16.61 -7.93
N HIS A 10 -4.46 17.02 -8.46
CA HIS A 10 -5.57 16.08 -8.72
C HIS A 10 -5.15 15.00 -9.74
N PRO A 11 -5.81 13.83 -9.72
CA PRO A 11 -5.39 12.77 -10.65
C PRO A 11 -5.41 13.21 -12.12
N GLY A 12 -4.33 12.89 -12.83
CA GLY A 12 -4.18 13.26 -14.23
C GLY A 12 -3.48 14.59 -14.46
N ALA A 13 -3.19 15.30 -13.37
CA ALA A 13 -2.49 16.60 -13.46
C ALA A 13 -1.08 16.47 -14.05
N GLY A 14 -0.58 15.24 -14.06
CA GLY A 14 0.75 14.95 -14.59
C GLY A 14 1.81 15.20 -13.54
N LYS A 15 1.66 14.58 -12.37
CA LYS A 15 2.66 14.64 -11.30
C LYS A 15 3.96 14.10 -11.87
N THR A 16 3.89 12.84 -12.33
CA THR A 16 5.03 12.05 -12.73
C THR A 16 5.57 12.45 -14.11
N ARG A 17 4.66 12.79 -15.02
CA ARG A 17 5.02 13.07 -16.41
C ARG A 17 5.41 14.53 -16.67
N ARG A 18 4.81 15.46 -15.93
CA ARG A 18 5.02 16.90 -16.13
C ARG A 18 5.66 17.63 -14.95
N VAL A 19 5.07 17.46 -13.76
CA VAL A 19 5.50 18.20 -12.57
C VAL A 19 6.85 17.70 -12.02
N LEU A 20 6.97 16.40 -11.82
CA LEU A 20 8.19 15.80 -11.27
C LEU A 20 9.44 16.05 -12.13
N PRO A 21 9.36 15.86 -13.48
CA PRO A 21 10.51 16.21 -14.31
C PRO A 21 10.95 17.67 -14.18
N GLN A 22 9.99 18.59 -14.06
CA GLN A 22 10.28 19.99 -13.81
C GLN A 22 10.99 20.18 -12.47
N LEU A 23 10.50 19.50 -11.43
CA LEU A 23 11.08 19.56 -10.09
C LEU A 23 12.49 18.97 -10.05
N VAL A 24 12.70 17.89 -10.80
CA VAL A 24 14.01 17.25 -10.88
C VAL A 24 15.01 18.12 -11.66
N ARG A 25 14.54 18.73 -12.75
CA ARG A 25 15.35 19.68 -13.52
C ARG A 25 15.87 20.80 -12.62
N GLU A 26 14.99 21.41 -11.84
CA GLU A 26 15.39 22.53 -10.98
C GLU A 26 16.16 22.13 -9.73
N ALA A 27 16.02 20.87 -9.30
CA ALA A 27 16.84 20.33 -8.21
C ALA A 27 18.26 20.04 -8.68
N VAL A 28 18.38 19.57 -9.92
CA VAL A 28 19.68 19.33 -10.54
C VAL A 28 20.42 20.65 -10.80
N LYS A 29 19.69 21.65 -11.29
CA LYS A 29 20.23 23.00 -11.53
C LYS A 29 20.69 23.67 -10.25
N LYS A 30 19.95 23.44 -9.16
CA LYS A 30 20.28 24.00 -7.84
C LYS A 30 21.32 23.19 -7.08
N ARG A 31 21.76 22.08 -7.67
CA ARG A 31 22.72 21.13 -7.06
C ARG A 31 22.25 20.56 -5.71
N LEU A 32 20.94 20.31 -5.63
CA LEU A 32 20.35 19.70 -4.46
C LEU A 32 20.46 18.19 -4.54
N ARG A 33 21.05 17.61 -3.51
CA ARG A 33 21.11 16.17 -3.32
C ARG A 33 19.70 15.66 -2.98
N THR A 34 19.10 14.95 -3.92
CA THR A 34 17.66 14.63 -3.89
C THR A 34 17.36 13.12 -3.86
N VAL A 35 16.29 12.74 -3.15
CA VAL A 35 15.67 11.42 -3.30
C VAL A 35 14.20 11.52 -3.74
N ILE A 36 13.82 10.67 -4.69
CA ILE A 36 12.44 10.53 -5.12
C ILE A 36 11.91 9.19 -4.59
N LEU A 37 10.82 9.25 -3.84
CA LEU A 37 10.27 8.07 -3.21
C LEU A 37 8.94 7.70 -3.85
N ALA A 38 8.96 6.58 -4.59
CA ALA A 38 7.77 6.02 -5.23
C ALA A 38 7.14 5.00 -4.31
N PRO A 39 5.79 4.92 -4.30
CA PRO A 39 5.11 3.97 -3.41
C PRO A 39 5.32 2.50 -3.78
N THR A 40 5.51 2.19 -5.06
CA THR A 40 5.67 0.79 -5.52
C THR A 40 6.73 0.66 -6.60
N ARG A 41 7.24 -0.56 -6.79
CA ARG A 41 8.22 -0.88 -7.83
C ARG A 41 7.75 -0.51 -9.24
N VAL A 42 6.48 -0.79 -9.51
CA VAL A 42 5.88 -0.51 -10.81
C VAL A 42 5.80 1.00 -11.06
N VAL A 43 5.35 1.75 -10.05
CA VAL A 43 5.35 3.23 -10.12
C VAL A 43 6.78 3.73 -10.28
N ALA A 44 7.71 3.14 -9.52
CA ALA A 44 9.13 3.46 -9.63
C ALA A 44 9.64 3.29 -11.07
N SER A 45 9.33 2.16 -11.71
CA SER A 45 9.72 1.92 -13.10
C SER A 45 9.10 2.93 -14.08
N GLU A 46 7.82 3.24 -13.88
CA GLU A 46 7.13 4.26 -14.68
C GLU A 46 7.82 5.62 -14.55
N THR A 47 8.11 6.00 -13.31
CA THR A 47 8.70 7.29 -12.98
C THR A 47 10.10 7.44 -13.58
N TYR A 48 10.83 6.32 -13.62
CA TYR A 48 12.15 6.28 -14.24
C TYR A 48 12.09 6.61 -15.73
N GLU A 49 11.11 6.04 -16.43
CA GLU A 49 10.89 6.31 -17.86
C GLU A 49 10.61 7.79 -18.11
N ALA A 50 9.67 8.35 -17.35
CA ALA A 50 9.29 9.75 -17.43
C ALA A 50 10.47 10.69 -17.21
N LEU A 51 11.51 10.16 -16.57
CA LEU A 51 12.69 10.93 -16.20
C LEU A 51 13.95 10.50 -16.96
N ARG A 52 13.75 9.96 -18.15
CA ARG A 52 14.83 9.64 -19.08
C ARG A 52 15.55 10.92 -19.48
N GLY A 53 16.87 10.85 -19.57
CA GLY A 53 17.70 12.02 -19.89
C GLY A 53 18.17 12.76 -18.66
N GLU A 54 17.64 12.39 -17.50
CA GLU A 54 18.01 12.96 -16.21
C GLU A 54 19.05 12.08 -15.49
N PRO A 55 20.01 12.72 -14.77
CA PRO A 55 21.04 11.97 -14.05
C PRO A 55 20.50 11.32 -12.76
N ILE A 56 19.71 10.26 -12.93
CA ILE A 56 19.02 9.61 -11.83
C ILE A 56 19.58 8.21 -11.56
N ARG A 57 19.91 7.95 -10.29
CA ARG A 57 20.32 6.63 -9.85
C ARG A 57 19.12 5.83 -9.33
N TYR A 58 18.65 4.87 -10.11
CA TYR A 58 17.52 4.02 -9.75
C TYR A 58 18.00 2.82 -8.93
N MET A 59 17.57 2.77 -7.66
CA MET A 59 18.03 1.76 -6.72
C MET A 59 17.48 0.37 -7.06
N GLY A 69 27.19 7.99 -14.65
CA GLY A 69 28.45 8.38 -14.03
C GLY A 69 28.27 8.79 -12.57
N ASN A 70 28.24 10.10 -12.33
CA ASN A 70 27.89 10.65 -11.02
C ASN A 70 26.57 11.40 -11.05
N GLU A 71 25.72 11.12 -10.06
CA GLU A 71 24.40 11.73 -9.94
C GLU A 71 24.12 12.20 -8.52
N ILE A 72 23.29 13.23 -8.41
CA ILE A 72 22.88 13.76 -7.11
C ILE A 72 21.41 13.45 -6.78
N VAL A 73 20.73 12.76 -7.70
CA VAL A 73 19.34 12.36 -7.48
C VAL A 73 19.11 10.84 -7.44
N ASP A 74 18.66 10.36 -6.30
CA ASP A 74 18.38 8.94 -6.09
C ASP A 74 16.90 8.64 -6.26
N PHE A 75 16.59 7.36 -6.47
CA PHE A 75 15.23 6.94 -6.69
C PHE A 75 14.93 5.53 -6.14
N MET A 76 13.96 5.44 -5.25
CA MET A 76 13.60 4.16 -4.60
C MET A 76 12.16 4.13 -4.11
N CYS A 77 11.70 2.99 -3.60
CA CYS A 77 10.35 2.86 -3.02
C CYS A 77 10.29 3.39 -1.58
N HIS A 78 9.08 3.69 -1.09
CA HIS A 78 8.87 4.08 0.31
C HIS A 78 9.45 3.03 1.23
N SER A 79 9.15 1.75 0.94
CA SER A 79 9.50 0.66 1.85
C SER A 79 11.00 0.34 1.85
N THR A 80 11.64 0.47 0.70
CA THR A 80 13.10 0.36 0.59
C THR A 80 13.79 1.40 1.44
N PHE A 81 13.28 2.63 1.37
CA PHE A 81 13.76 3.78 2.13
C PHE A 81 13.71 3.53 3.63
N THR A 82 12.55 3.17 4.14
CA THR A 82 12.46 2.99 5.61
C THR A 82 13.10 1.69 6.11
N MET A 83 13.11 0.65 5.26
CA MET A 83 13.88 -0.55 5.58
C MET A 83 15.39 -0.27 5.74
N LYS A 84 15.97 0.53 4.85
CA LYS A 84 17.37 0.95 4.99
C LYS A 84 17.59 1.67 6.32
N LEU A 85 16.72 2.63 6.62
CA LEU A 85 16.74 3.29 7.92
C LEU A 85 16.62 2.31 9.09
N LEU A 86 15.71 1.34 8.99
CA LEU A 86 15.54 0.32 10.04
C LEU A 86 16.83 -0.49 10.23
N GLN A 87 17.47 -0.86 9.12
CA GLN A 87 18.69 -1.69 9.15
C GLN A 87 19.99 -0.97 9.52
N GLY A 88 19.92 0.36 9.60
CA GLY A 88 21.07 1.11 10.05
C GLY A 88 22.13 1.22 8.97
N VAL A 89 21.75 0.89 7.73
CA VAL A 89 22.65 1.10 6.60
C VAL A 89 22.56 2.58 6.24
N ARG A 90 23.71 3.21 6.00
CA ARG A 90 23.67 4.66 5.81
C ARG A 90 22.86 5.10 4.60
N VAL A 91 21.96 6.06 4.83
CA VAL A 91 21.26 6.72 3.74
C VAL A 91 21.72 8.19 3.73
N PRO A 92 21.93 8.75 2.51
CA PRO A 92 22.51 10.09 2.39
C PRO A 92 21.75 11.15 3.19
N ASN A 93 22.46 12.19 3.62
CA ASN A 93 21.80 13.34 4.21
C ASN A 93 21.24 14.22 3.08
N TYR A 94 20.11 13.79 2.53
CA TYR A 94 19.54 14.45 1.35
C TYR A 94 19.15 15.88 1.67
N ASN A 95 19.31 16.76 0.69
CA ASN A 95 18.85 18.13 0.76
C ASN A 95 17.36 18.23 0.47
N LEU A 96 16.88 17.29 -0.34
CA LEU A 96 15.50 17.32 -0.83
C LEU A 96 14.93 15.92 -0.89
N TYR A 97 13.77 15.76 -0.24
CA TYR A 97 13.00 14.54 -0.32
C TYR A 97 11.74 14.86 -1.12
N ILE A 98 11.48 14.07 -2.15
CA ILE A 98 10.22 14.14 -2.87
C ILE A 98 9.47 12.82 -2.70
N MET A 99 8.35 12.87 -2.00
CA MET A 99 7.51 11.69 -1.84
C MET A 99 6.31 11.75 -2.76
N ASP A 100 6.27 10.81 -3.69
CA ASP A 100 5.13 10.65 -4.59
C ASP A 100 4.07 9.81 -3.89
N GLU A 101 2.80 10.14 -4.13
CA GLU A 101 1.66 9.43 -3.51
C GLU A 101 1.78 9.39 -1.99
N ALA A 102 1.97 10.58 -1.42
CA ALA A 102 2.24 10.77 0.00
C ALA A 102 1.04 10.55 0.91
N HIS A 103 -0.04 9.99 0.36
CA HIS A 103 -1.21 9.62 1.15
C HIS A 103 -1.20 8.11 1.48
N PHE A 104 -0.23 7.39 0.93
CA PHE A 104 -0.14 5.92 1.01
C PHE A 104 -0.13 5.48 2.48
N LEU A 105 -0.97 4.52 2.85
CA LEU A 105 -1.17 4.16 4.27
C LEU A 105 -0.38 2.97 4.79
N ASP A 106 0.44 2.37 3.94
CA ASP A 106 1.33 1.33 4.39
C ASP A 106 2.28 1.91 5.46
N PRO A 107 2.47 1.20 6.58
CA PRO A 107 3.26 1.72 7.73
C PRO A 107 4.64 2.24 7.34
N ALA A 108 5.25 1.63 6.32
CA ALA A 108 6.53 2.09 5.79
C ALA A 108 6.44 3.49 5.20
N SER A 109 5.36 3.80 4.46
CA SER A 109 5.15 5.18 3.96
C SER A 109 4.85 6.17 5.06
N VAL A 110 4.01 5.77 6.01
CA VAL A 110 3.66 6.58 7.16
C VAL A 110 4.91 6.90 8.00
N ALA A 111 5.77 5.89 8.21
CA ALA A 111 7.02 6.11 8.93
C ALA A 111 7.97 7.04 8.16
N ALA A 112 8.11 6.83 6.86
CA ALA A 112 8.95 7.70 6.02
C ALA A 112 8.53 9.17 6.12
N ARG A 113 7.22 9.43 6.01
CA ARG A 113 6.65 10.77 6.25
C ARG A 113 7.14 11.41 7.53
N GLY A 114 7.04 10.66 8.63
CA GLY A 114 7.50 11.10 9.93
C GLY A 114 8.99 11.38 10.00
N TYR A 115 9.80 10.49 9.42
CA TYR A 115 11.25 10.69 9.37
C TYR A 115 11.61 11.95 8.60
N ILE A 116 10.95 12.14 7.45
CA ILE A 116 11.25 13.26 6.56
C ILE A 116 10.87 14.61 7.20
N GLU A 117 9.67 14.69 7.79
CA GLU A 117 9.26 15.89 8.51
C GLU A 117 10.21 16.20 9.67
N THR A 118 10.83 15.16 10.22
CA THR A 118 11.83 15.34 11.26
C THR A 118 13.14 15.93 10.69
N ARG A 119 13.56 15.49 9.51
CA ARG A 119 14.74 16.09 8.87
C ARG A 119 14.49 17.55 8.49
N VAL A 120 13.29 17.86 7.98
CA VAL A 120 12.90 19.22 7.63
C VAL A 120 12.82 20.09 8.88
N SER A 121 12.17 19.57 9.92
CA SER A 121 12.05 20.26 11.21
C SER A 121 13.41 20.53 11.87
N MET A 122 14.34 19.59 11.77
CA MET A 122 15.72 19.77 12.25
C MET A 122 16.51 20.80 11.40
N GLY A 123 16.03 21.08 10.19
CA GLY A 123 16.72 21.99 9.28
C GLY A 123 17.74 21.36 8.35
N ASP A 124 17.80 20.03 8.30
CA ASP A 124 18.73 19.30 7.41
C ASP A 124 18.32 19.32 5.93
N ALA A 125 17.06 19.63 5.65
CA ALA A 125 16.48 19.40 4.32
C ALA A 125 15.16 20.12 4.07
N GLY A 126 14.81 20.22 2.79
CA GLY A 126 13.44 20.55 2.39
C GLY A 126 12.76 19.27 1.92
N ALA A 127 11.44 19.31 1.77
CA ALA A 127 10.69 18.18 1.26
C ALA A 127 9.45 18.61 0.50
N ILE A 128 9.04 17.75 -0.44
CA ILE A 128 7.79 17.94 -1.15
C ILE A 128 7.01 16.64 -1.10
N PHE A 129 5.78 16.74 -0.60
CA PHE A 129 4.83 15.63 -0.56
C PHE A 129 3.82 15.83 -1.68
N MET A 130 3.74 14.84 -2.56
CA MET A 130 2.85 14.90 -3.72
C MET A 130 1.73 13.89 -3.61
N THR A 131 0.50 14.37 -3.75
CA THR A 131 -0.69 13.53 -3.67
C THR A 131 -1.94 14.33 -4.04
N ALA A 132 -2.94 13.65 -4.62
CA ALA A 132 -4.23 14.25 -4.92
C ALA A 132 -5.00 14.56 -3.64
N THR A 133 -4.78 13.71 -2.63
CA THR A 133 -5.55 13.74 -1.39
C THR A 133 -4.59 13.79 -0.19
N PRO A 134 -4.08 15.00 0.14
CA PRO A 134 -3.11 15.16 1.23
C PRO A 134 -3.60 14.62 2.57
N PRO A 135 -2.71 13.99 3.36
CA PRO A 135 -3.07 13.60 4.72
C PRO A 135 -3.70 14.77 5.46
N GLY A 136 -4.89 14.53 6.04
CA GLY A 136 -5.62 15.56 6.75
C GLY A 136 -6.80 16.09 5.96
N THR A 137 -6.70 16.02 4.64
CA THR A 137 -7.80 16.45 3.76
C THR A 137 -8.75 15.29 3.49
N THR A 138 -9.96 15.59 3.03
CA THR A 138 -11.06 14.63 3.11
C THR A 138 -12.06 14.65 1.91
N GLU A 139 -11.61 15.14 0.76
CA GLU A 139 -12.47 15.28 -0.43
C GLU A 139 -12.53 13.98 -1.24
N ALA A 140 -13.72 13.43 -1.43
CA ALA A 140 -13.91 12.18 -2.19
C ALA A 140 -14.19 12.42 -3.68
N PHE A 141 -14.59 13.66 -4.00
CA PHE A 141 -14.89 14.07 -5.37
C PHE A 141 -14.00 15.23 -5.85
N PRO A 142 -12.68 15.01 -5.93
CA PRO A 142 -11.72 16.04 -6.36
C PRO A 142 -11.92 16.43 -7.83
N PRO A 143 -11.17 17.45 -8.31
CA PRO A 143 -11.28 17.82 -9.73
C PRO A 143 -10.63 16.79 -10.64
N SER A 144 -10.92 16.89 -11.92
CA SER A 144 -10.44 15.96 -12.93
C SER A 144 -10.20 16.72 -14.23
N ASN A 145 -9.41 16.15 -15.12
CA ASN A 145 -9.12 16.77 -16.42
C ASN A 145 -10.38 16.99 -17.23
N SER A 146 -11.32 16.07 -17.09
CA SER A 146 -12.58 16.07 -17.78
C SER A 146 -13.66 15.72 -16.78
N PRO A 147 -14.86 16.33 -16.90
CA PRO A 147 -16.00 16.04 -16.01
C PRO A 147 -16.32 14.55 -15.84
N ILE A 148 -16.61 14.18 -14.60
CA ILE A 148 -16.97 12.82 -14.24
C ILE A 148 -18.44 12.75 -13.82
N ILE A 149 -19.18 11.81 -14.40
CA ILE A 149 -20.56 11.56 -13.99
C ILE A 149 -20.58 10.62 -12.77
N ASP A 150 -20.97 11.18 -11.63
CA ASP A 150 -21.06 10.42 -10.38
C ASP A 150 -22.46 9.87 -10.23
N GLU A 151 -22.56 8.55 -10.27
CA GLU A 151 -23.83 7.80 -10.34
C GLU A 151 -23.88 6.90 -9.11
N GLU A 152 -24.60 7.33 -8.07
CA GLU A 152 -24.82 6.46 -6.89
C GLU A 152 -25.78 5.38 -7.26
N THR A 153 -25.40 4.14 -7.00
CA THR A 153 -26.14 3.00 -7.51
C THR A 153 -26.01 1.76 -6.62
N ARG A 154 -26.64 0.67 -7.03
CA ARG A 154 -26.63 -0.59 -6.32
C ARG A 154 -25.58 -1.48 -6.98
N ILE A 155 -24.63 -1.98 -6.18
CA ILE A 155 -23.52 -2.79 -6.68
C ILE A 155 -23.49 -4.19 -6.03
N PRO A 156 -23.41 -5.26 -6.84
CA PRO A 156 -23.40 -6.63 -6.30
C PRO A 156 -22.12 -6.93 -5.53
N ASP A 157 -22.26 -7.60 -4.39
CA ASP A 157 -21.11 -8.04 -3.62
C ASP A 157 -20.77 -9.51 -3.87
N LYS A 158 -21.56 -10.16 -4.70
CA LYS A 158 -21.34 -11.54 -5.11
C LYS A 158 -21.95 -11.77 -6.49
N ALA A 159 -21.84 -13.01 -7.01
CA ALA A 159 -22.42 -13.38 -8.29
C ALA A 159 -23.94 -13.12 -8.33
N TRP A 160 -24.43 -12.77 -9.52
CA TRP A 160 -25.86 -12.49 -9.71
C TRP A 160 -26.43 -13.18 -10.96
N ASN A 161 -27.65 -13.68 -10.86
CA ASN A 161 -28.32 -14.40 -11.95
C ASN A 161 -29.12 -13.46 -12.84
N SER A 162 -29.55 -12.33 -12.27
CA SER A 162 -30.31 -11.32 -12.98
C SER A 162 -30.19 -9.99 -12.24
N GLY A 163 -30.88 -8.98 -12.76
CA GLY A 163 -30.75 -7.62 -12.26
C GLY A 163 -29.40 -7.03 -12.68
N TYR A 164 -29.13 -5.81 -12.23
CA TYR A 164 -27.86 -5.11 -12.50
C TYR A 164 -27.49 -5.08 -13.98
N GLU A 165 -28.48 -4.81 -14.83
CA GLU A 165 -28.22 -4.79 -16.27
C GLU A 165 -27.39 -3.59 -16.70
N TRP A 166 -27.47 -2.48 -15.94
CA TRP A 166 -26.59 -1.30 -16.15
C TRP A 166 -25.10 -1.67 -16.19
N ILE A 167 -24.73 -2.76 -15.53
CA ILE A 167 -23.36 -3.27 -15.52
C ILE A 167 -22.98 -3.92 -16.87
N THR A 168 -23.81 -4.84 -17.33
CA THR A 168 -23.55 -5.59 -18.55
C THR A 168 -23.99 -4.88 -19.83
N GLU A 169 -24.97 -3.98 -19.73
CA GLU A 169 -25.41 -3.21 -20.88
C GLU A 169 -24.64 -1.90 -20.97
N PHE A 170 -23.38 -2.03 -21.37
CA PHE A 170 -22.41 -0.93 -21.37
C PHE A 170 -21.36 -1.22 -22.42
N ASP A 171 -21.09 -0.22 -23.26
CA ASP A 171 -20.31 -0.40 -24.47
C ASP A 171 -18.78 -0.24 -24.29
N GLY A 172 -18.35 0.27 -23.13
CA GLY A 172 -16.95 0.62 -22.90
C GLY A 172 -16.22 -0.18 -21.84
N ARG A 173 -15.07 0.31 -21.42
CA ARG A 173 -14.19 -0.37 -20.45
C ARG A 173 -14.46 0.07 -19.00
N THR A 174 -14.60 -0.91 -18.11
CA THR A 174 -14.91 -0.67 -16.71
C THR A 174 -13.81 -1.25 -15.80
N VAL A 175 -13.37 -0.44 -14.84
CA VAL A 175 -12.48 -0.87 -13.76
C VAL A 175 -13.32 -1.02 -12.50
N TRP A 176 -13.34 -2.23 -11.95
CA TRP A 176 -14.18 -2.56 -10.81
C TRP A 176 -13.32 -2.90 -9.62
N PHE A 177 -13.38 -2.09 -8.58
CA PHE A 177 -12.59 -2.32 -7.38
C PHE A 177 -13.31 -3.23 -6.38
N VAL A 178 -12.68 -4.35 -6.05
CA VAL A 178 -13.19 -5.30 -5.05
C VAL A 178 -12.36 -5.24 -3.75
N HIS A 179 -12.87 -5.86 -2.68
CA HIS A 179 -12.24 -5.76 -1.36
C HIS A 179 -11.31 -6.93 -1.00
N SER A 180 -11.15 -7.87 -1.94
CA SER A 180 -10.32 -9.05 -1.75
C SER A 180 -10.20 -9.79 -3.08
N ILE A 181 -9.18 -10.64 -3.20
CA ILE A 181 -8.96 -11.45 -4.40
C ILE A 181 -10.17 -12.37 -4.61
N LYS A 182 -10.62 -12.97 -3.52
CA LYS A 182 -11.77 -13.89 -3.48
C LYS A 182 -13.07 -13.25 -4.00
N GLN A 183 -13.39 -12.03 -3.56
CA GLN A 183 -14.55 -11.34 -4.12
C GLN A 183 -14.36 -11.07 -5.60
N GLY A 184 -13.14 -10.68 -5.98
CA GLY A 184 -12.82 -10.41 -7.38
C GLY A 184 -12.96 -11.63 -8.27
N ALA A 185 -12.65 -12.81 -7.72
CA ALA A 185 -12.79 -14.07 -8.45
C ALA A 185 -14.26 -14.40 -8.70
N GLU A 186 -15.11 -14.20 -7.70
CA GLU A 186 -16.54 -14.50 -7.83
C GLU A 186 -17.25 -13.52 -8.77
N ILE A 187 -16.84 -12.26 -8.73
CA ILE A 187 -17.42 -11.25 -9.59
C ILE A 187 -16.98 -11.39 -11.05
N GLY A 188 -15.67 -11.61 -11.26
CA GLY A 188 -15.13 -11.73 -12.61
C GLY A 188 -15.66 -12.93 -13.40
N THR A 189 -15.77 -14.07 -12.71
CA THR A 189 -16.34 -15.29 -13.31
C THR A 189 -17.79 -15.07 -13.73
N CYS A 190 -18.52 -14.29 -12.92
CA CYS A 190 -19.91 -14.00 -13.24
C CYS A 190 -19.95 -13.17 -14.53
N LEU A 191 -18.97 -12.27 -14.69
CA LEU A 191 -18.91 -11.44 -15.90
C LEU A 191 -18.46 -12.23 -17.12
N GLN A 192 -17.52 -13.17 -16.91
CA GLN A 192 -17.05 -14.06 -17.97
C GLN A 192 -18.14 -14.99 -18.46
N LYS A 193 -18.95 -15.49 -17.52
CA LYS A 193 -20.17 -16.23 -17.84
C LYS A 193 -21.13 -15.42 -18.72
N ALA A 194 -21.19 -14.10 -18.49
CA ALA A 194 -22.05 -13.20 -19.30
C ALA A 194 -21.39 -12.76 -20.62
N GLY A 195 -20.25 -13.37 -20.95
CA GLY A 195 -19.56 -13.10 -22.22
C GLY A 195 -18.56 -11.95 -22.21
N LYS A 196 -18.23 -11.44 -21.03
CA LYS A 196 -17.27 -10.34 -20.94
C LYS A 196 -15.81 -10.81 -20.85
N LYS A 197 -14.94 -10.03 -21.49
CA LYS A 197 -13.51 -10.26 -21.50
C LYS A 197 -12.97 -9.54 -20.28
N VAL A 198 -12.42 -10.30 -19.33
CA VAL A 198 -11.96 -9.70 -18.07
C VAL A 198 -10.53 -10.02 -17.66
N LEU A 199 -9.83 -8.99 -17.20
CA LEU A 199 -8.49 -9.11 -16.64
C LEU A 199 -8.54 -8.94 -15.11
N TYR A 200 -7.68 -9.67 -14.43
CA TYR A 200 -7.63 -9.70 -12.96
C TYR A 200 -6.32 -9.09 -12.51
N LEU A 201 -6.41 -8.13 -11.60
CA LEU A 201 -5.25 -7.42 -11.07
C LEU A 201 -5.20 -7.44 -9.56
N ASN A 202 -4.15 -8.04 -9.04
CA ASN A 202 -3.85 -8.00 -7.61
C ASN A 202 -2.35 -7.82 -7.40
N ARG A 203 -1.96 -7.65 -6.15
CA ARG A 203 -0.54 -7.42 -5.78
C ARG A 203 0.44 -8.45 -6.36
N LYS A 204 -0.05 -9.63 -6.71
CA LYS A 204 0.75 -10.67 -7.35
C LYS A 204 0.76 -10.55 -8.87
N THR A 205 -0.42 -10.71 -9.47
CA THR A 205 -0.59 -10.85 -10.92
C THR A 205 -0.38 -9.55 -11.75
N PHE A 206 -0.04 -8.46 -11.08
CA PHE A 206 0.04 -7.17 -11.73
C PHE A 206 1.02 -7.08 -12.89
N GLU A 207 2.30 -7.39 -12.66
CA GLU A 207 3.33 -7.18 -13.69
C GLU A 207 3.17 -8.06 -14.94
N SER A 208 2.39 -9.13 -14.83
CA SER A 208 2.05 -9.97 -15.98
C SER A 208 0.75 -9.54 -16.68
N GLU A 209 -0.24 -9.12 -15.91
CA GLU A 209 -1.57 -8.83 -16.46
C GLU A 209 -1.85 -7.34 -16.72
N TYR A 210 -1.06 -6.45 -16.12
CA TYR A 210 -1.24 -5.00 -16.33
C TYR A 210 -0.92 -4.51 -17.75
N PRO A 211 0.26 -4.89 -18.31
CA PRO A 211 0.52 -4.57 -19.73
C PRO A 211 -0.58 -5.05 -20.68
N LYS A 212 -1.31 -6.08 -20.27
CA LYS A 212 -2.43 -6.61 -21.07
C LYS A 212 -3.61 -5.64 -21.14
N CYS A 213 -3.64 -4.65 -20.24
CA CYS A 213 -4.65 -3.59 -20.31
C CYS A 213 -4.42 -2.73 -21.56
N LYS A 214 -3.20 -2.77 -22.06
CA LYS A 214 -2.78 -1.99 -23.22
C LYS A 214 -2.75 -2.86 -24.48
N SER A 215 -1.96 -3.93 -24.44
CA SER A 215 -1.76 -4.81 -25.59
C SER A 215 -3.01 -5.59 -26.00
N GLU A 216 -3.98 -5.66 -25.10
CA GLU A 216 -5.15 -6.52 -25.29
C GLU A 216 -6.46 -5.71 -25.25
N LYS A 217 -7.49 -6.29 -25.85
CA LYS A 217 -8.84 -5.77 -25.73
C LYS A 217 -9.56 -6.42 -24.55
N TRP A 218 -10.26 -5.61 -23.77
CA TRP A 218 -10.99 -6.08 -22.60
C TRP A 218 -12.29 -5.32 -22.37
N ASP A 219 -13.14 -5.87 -21.51
CA ASP A 219 -14.38 -5.20 -21.11
C ASP A 219 -14.33 -4.73 -19.65
N PHE A 220 -13.72 -5.55 -18.80
CA PHE A 220 -13.63 -5.29 -17.36
C PHE A 220 -12.24 -5.56 -16.83
N VAL A 221 -11.79 -4.69 -15.93
CA VAL A 221 -10.66 -5.01 -15.08
C VAL A 221 -11.20 -5.13 -13.65
N ILE A 222 -11.00 -6.30 -13.07
CA ILE A 222 -11.33 -6.55 -11.67
C ILE A 222 -10.03 -6.37 -10.88
N THR A 223 -10.02 -5.40 -9.97
CA THR A 223 -8.84 -5.04 -9.20
C THR A 223 -9.08 -4.93 -7.73
N THR A 224 -8.04 -5.26 -6.97
CA THR A 224 -7.89 -4.93 -5.57
C THR A 224 -7.38 -3.49 -5.50
N ASP A 225 -7.22 -2.94 -4.29
CA ASP A 225 -6.73 -1.57 -4.10
C ASP A 225 -5.29 -1.33 -4.61
N ILE A 226 -4.68 -2.34 -5.21
CA ILE A 226 -3.38 -2.21 -5.86
C ILE A 226 -3.39 -1.20 -7.05
N SER A 227 -4.57 -0.97 -7.61
CA SER A 227 -4.71 -0.11 -8.77
C SER A 227 -5.00 1.33 -8.36
N GLU A 228 -4.86 1.61 -7.07
CA GLU A 228 -5.38 2.84 -6.49
C GLU A 228 -4.42 4.01 -6.73
N MET A 229 -3.14 3.69 -6.86
CA MET A 229 -2.15 4.66 -7.32
C MET A 229 -1.79 4.44 -8.78
N GLY A 230 -1.65 3.17 -9.16
CA GLY A 230 -0.45 2.71 -9.84
C GLY A 230 -0.71 2.30 -11.27
N ALA A 231 -1.81 2.81 -11.84
CA ALA A 231 -2.35 2.26 -13.07
C ALA A 231 -3.02 3.34 -13.91
N ASN A 232 -2.46 3.61 -15.09
CA ASN A 232 -3.16 4.36 -16.12
C ASN A 232 -3.94 3.40 -17.01
N PHE A 233 -5.26 3.46 -16.91
CA PHE A 233 -6.12 2.75 -17.82
C PHE A 233 -6.68 3.79 -18.78
N LYS A 234 -7.06 3.37 -19.99
CA LYS A 234 -7.94 4.22 -20.79
C LYS A 234 -9.35 3.64 -20.69
N ALA A 235 -9.94 3.81 -19.51
CA ALA A 235 -11.24 3.23 -19.20
C ALA A 235 -12.33 4.27 -19.31
N ASP A 236 -13.57 3.81 -19.37
CA ASP A 236 -14.73 4.67 -19.49
C ASP A 236 -15.52 4.77 -18.19
N ARG A 237 -15.39 3.77 -17.33
CA ARG A 237 -16.19 3.70 -16.10
C ARG A 237 -15.38 3.10 -14.94
N VAL A 238 -15.65 3.57 -13.73
CA VAL A 238 -15.20 2.88 -12.54
C VAL A 238 -16.42 2.42 -11.74
N ILE A 239 -16.36 1.18 -11.27
CA ILE A 239 -17.32 0.65 -10.32
C ILE A 239 -16.62 0.50 -8.96
N ASP A 240 -17.23 1.12 -7.95
CA ASP A 240 -16.64 1.17 -6.64
C ASP A 240 -17.70 1.05 -5.53
N PRO A 241 -17.80 -0.15 -4.92
CA PRO A 241 -18.62 -0.35 -3.73
C PRO A 241 -17.99 0.22 -2.46
N ARG A 242 -16.82 0.85 -2.58
CA ARG A 242 -16.17 1.53 -1.46
C ARG A 242 -15.93 0.64 -0.23
N LYS A 243 -15.57 -0.62 -0.49
CA LYS A 243 -15.35 -1.56 0.57
C LYS A 243 -13.91 -2.00 0.65
N THR A 244 -13.46 -2.23 1.88
CA THR A 244 -12.15 -2.82 2.14
C THR A 244 -12.24 -3.77 3.36
N ILE A 245 -11.22 -4.61 3.53
CA ILE A 245 -11.05 -5.43 4.72
C ILE A 245 -9.73 -5.00 5.35
N LYS A 246 -9.80 -4.51 6.59
CA LYS A 246 -8.64 -3.91 7.22
C LYS A 246 -8.22 -4.61 8.52
N PRO A 247 -6.90 -4.68 8.77
CA PRO A 247 -6.43 -5.33 9.99
C PRO A 247 -6.54 -4.40 11.19
N ILE A 248 -7.24 -4.86 12.23
CA ILE A 248 -7.53 -4.07 13.41
C ILE A 248 -6.85 -4.69 14.64
N LEU A 249 -6.21 -3.84 15.44
CA LEU A 249 -5.59 -4.29 16.68
C LEU A 249 -6.63 -4.26 17.79
N LEU A 250 -6.78 -5.39 18.49
CA LEU A 250 -7.67 -5.46 19.63
C LEU A 250 -7.43 -6.71 20.47
N ASP A 251 -7.28 -6.52 21.78
CA ASP A 251 -7.13 -7.62 22.73
C ASP A 251 -5.84 -8.43 22.50
N GLY A 252 -4.79 -7.73 22.10
CA GLY A 252 -3.47 -8.31 21.84
C GLY A 252 -3.39 -9.23 20.64
N ARG A 253 -4.22 -8.98 19.65
CA ARG A 253 -4.21 -9.73 18.39
C ARG A 253 -4.76 -8.88 17.25
N VAL A 254 -4.37 -9.22 16.02
CA VAL A 254 -4.85 -8.52 14.85
C VAL A 254 -5.95 -9.30 14.15
N SER A 255 -7.11 -8.65 14.03
CA SER A 255 -8.28 -9.18 13.34
C SER A 255 -8.52 -8.46 12.02
N MET A 256 -8.83 -9.23 10.98
CA MET A 256 -9.32 -8.68 9.73
C MET A 256 -10.79 -8.36 9.89
N GLN A 257 -11.16 -7.10 9.68
CA GLN A 257 -12.55 -6.68 9.84
C GLN A 257 -13.06 -6.10 8.53
N GLY A 258 -14.27 -6.49 8.15
CA GLY A 258 -14.86 -6.03 6.90
C GLY A 258 -15.87 -6.99 6.31
N PRO A 259 -16.54 -6.58 5.21
CA PRO A 259 -16.32 -5.32 4.46
C PRO A 259 -16.70 -4.06 5.23
N ILE A 260 -15.80 -3.07 5.20
CA ILE A 260 -16.06 -1.75 5.80
C ILE A 260 -15.72 -0.65 4.80
N ALA A 261 -16.27 0.54 5.05
CA ALA A 261 -16.08 1.71 4.22
C ALA A 261 -14.60 2.07 4.06
N ILE A 262 -14.19 2.39 2.83
CA ILE A 262 -12.84 2.91 2.56
C ILE A 262 -12.73 4.38 2.98
N THR A 263 -11.52 4.93 2.90
CA THR A 263 -11.27 6.35 3.19
C THR A 263 -11.67 7.22 1.99
N PRO A 264 -11.99 8.52 2.24
CA PRO A 264 -12.19 9.47 1.13
C PRO A 264 -11.01 9.51 0.15
N ALA A 265 -9.79 9.35 0.65
CA ALA A 265 -8.59 9.37 -0.18
C ALA A 265 -8.57 8.22 -1.16
N SER A 266 -8.93 7.03 -0.68
CA SER A 266 -9.00 5.85 -1.52
C SER A 266 -10.12 6.00 -2.56
N ALA A 267 -11.30 6.42 -2.13
CA ALA A 267 -12.42 6.70 -3.05
C ALA A 267 -12.04 7.64 -4.20
N ALA A 268 -11.44 8.78 -3.84
CA ALA A 268 -10.89 9.77 -4.77
C ALA A 268 -9.90 9.19 -5.78
N GLN A 269 -9.05 8.27 -5.30
CA GLN A 269 -8.06 7.61 -6.14
C GLN A 269 -8.70 6.59 -7.07
N ARG A 270 -9.67 5.83 -6.55
CA ARG A 270 -10.48 4.93 -7.38
C ARG A 270 -11.24 5.67 -8.48
N ARG A 271 -11.96 6.71 -8.09
CA ARG A 271 -12.67 7.60 -9.02
C ARG A 271 -11.68 8.22 -10.01
N GLY A 272 -10.49 8.55 -9.50
CA GLY A 272 -9.45 9.22 -10.28
C GLY A 272 -8.87 8.42 -11.42
N ARG A 273 -9.26 7.15 -11.53
CA ARG A 273 -8.88 6.32 -12.69
C ARG A 273 -9.55 6.79 -13.99
N ILE A 274 -10.61 7.58 -13.87
CA ILE A 274 -11.32 8.10 -15.05
C ILE A 274 -11.44 9.62 -15.02
N GLY A 275 -12.07 10.20 -16.05
CA GLY A 275 -12.11 11.64 -16.25
C GLY A 275 -10.75 12.28 -16.42
N ARG A 276 -9.79 11.57 -17.01
CA ARG A 276 -8.44 12.13 -17.17
C ARG A 276 -8.03 12.56 -18.59
N ASN A 277 -8.92 12.40 -19.57
CA ASN A 277 -8.73 12.94 -20.91
C ASN A 277 -9.65 14.14 -21.12
N PRO A 278 -9.07 15.35 -21.25
CA PRO A 278 -9.80 16.62 -21.44
C PRO A 278 -10.83 16.62 -22.58
N GLU A 279 -10.62 15.79 -23.59
CA GLU A 279 -11.42 15.80 -24.80
C GLU A 279 -12.51 14.72 -24.82
N LYS A 280 -12.60 13.95 -23.74
CA LYS A 280 -13.56 12.84 -23.64
C LYS A 280 -14.50 13.01 -22.44
N LEU A 281 -15.80 13.22 -22.73
CA LEU A 281 -16.79 13.63 -21.71
C LEU A 281 -17.60 12.56 -20.94
N GLY A 282 -17.91 11.42 -21.54
CA GLY A 282 -18.84 10.53 -20.85
C GLY A 282 -18.38 9.58 -19.73
N ASP A 283 -17.20 9.83 -19.14
CA ASP A 283 -16.66 8.93 -18.09
C ASP A 283 -17.54 8.87 -16.85
N ILE A 284 -17.77 7.66 -16.33
CA ILE A 284 -18.70 7.46 -15.21
C ILE A 284 -18.04 6.85 -13.96
N TYR A 285 -18.39 7.40 -12.81
CA TYR A 285 -18.05 6.82 -11.52
C TYR A 285 -19.30 6.25 -10.83
N ALA A 286 -19.46 4.93 -10.93
CA ALA A 286 -20.61 4.24 -10.33
C ALA A 286 -20.23 3.70 -8.95
N TYR A 287 -20.88 4.23 -7.92
CA TYR A 287 -20.48 3.91 -6.56
C TYR A 287 -21.65 3.63 -5.60
N SER A 288 -21.33 3.01 -4.47
CA SER A 288 -22.26 2.89 -3.36
C SER A 288 -21.52 2.97 -2.03
N GLY A 289 -22.27 3.20 -0.96
CA GLY A 289 -21.71 3.22 0.38
C GLY A 289 -21.12 4.57 0.71
N ASN A 290 -20.76 4.76 1.98
CA ASN A 290 -20.12 6.00 2.38
C ASN A 290 -18.61 5.85 2.55
N VAL A 291 -17.92 6.97 2.72
CA VAL A 291 -16.50 6.99 3.04
C VAL A 291 -16.28 7.27 4.52
N SER A 292 -15.16 6.82 5.09
CA SER A 292 -14.87 7.04 6.49
C SER A 292 -13.41 7.38 6.81
N SER A 293 -13.23 8.27 7.77
CA SER A 293 -11.90 8.62 8.28
C SER A 293 -11.60 7.96 9.62
N ASP A 294 -12.61 7.32 10.22
CA ASP A 294 -12.46 6.63 11.51
C ASP A 294 -11.63 5.35 11.37
N ASN A 295 -10.33 5.51 11.09
CA ASN A 295 -9.42 4.37 11.00
C ASN A 295 -8.34 4.34 12.09
N GLU A 296 -8.66 4.87 13.26
CA GLU A 296 -7.74 4.88 14.40
C GLU A 296 -7.44 3.47 14.94
N GLY A 297 -8.38 2.55 14.76
CA GLY A 297 -8.20 1.15 15.16
C GLY A 297 -7.31 0.31 14.24
N HIS A 298 -7.05 0.82 13.04
CA HIS A 298 -6.19 0.17 12.05
C HIS A 298 -4.80 -0.04 12.64
N VAL A 299 -4.30 -1.28 12.59
CA VAL A 299 -2.93 -1.62 13.05
C VAL A 299 -1.80 -0.78 12.43
N SER A 300 -2.04 -0.31 11.21
CA SER A 300 -1.09 0.52 10.46
C SER A 300 -0.40 1.62 11.27
N TRP A 301 -1.17 2.36 12.06
CA TRP A 301 -0.65 3.49 12.83
C TRP A 301 0.33 3.02 13.90
N THR A 302 0.01 1.92 14.58
CA THR A 302 0.90 1.27 15.55
C THR A 302 2.19 0.74 14.88
N GLU A 303 2.02 0.08 13.73
CA GLU A 303 3.14 -0.44 12.95
C GLU A 303 4.09 0.66 12.49
N ALA A 304 3.54 1.78 12.02
CA ALA A 304 4.36 2.97 11.73
C ALA A 304 5.27 3.43 12.90
N ARG A 305 4.74 3.38 14.13
CA ARG A 305 5.51 3.72 15.35
C ARG A 305 6.54 2.66 15.70
N MET A 306 6.21 1.39 15.48
CA MET A 306 7.14 0.30 15.68
C MET A 306 8.35 0.45 14.77
N LEU A 307 8.11 0.94 13.57
CA LEU A 307 9.19 1.23 12.63
C LEU A 307 10.00 2.47 13.05
N LEU A 308 9.30 3.57 13.25
CA LEU A 308 9.95 4.83 13.58
C LEU A 308 10.69 4.79 14.92
N ASP A 309 10.19 4.03 15.89
CA ASP A 309 10.89 3.87 17.16
C ASP A 309 12.22 3.17 17.00
N ASN A 310 12.41 2.50 15.87
CA ASN A 310 13.61 1.72 15.65
C ASN A 310 14.51 2.28 14.54
N VAL A 311 14.28 3.55 14.22
CA VAL A 311 15.07 4.31 13.25
C VAL A 311 15.91 5.39 13.97
N HIS A 312 17.24 5.30 13.82
CA HIS A 312 18.16 6.31 14.34
C HIS A 312 18.13 7.55 13.47
N VAL A 313 18.01 8.72 14.09
CA VAL A 313 18.17 9.99 13.39
C VAL A 313 19.44 10.73 13.89
N GLN A 314 20.42 10.88 13.00
CA GLN A 314 21.66 11.59 13.29
C GLN A 314 21.35 12.98 13.87
N GLY A 315 21.95 13.30 15.03
CA GLY A 315 21.79 14.60 15.68
C GLY A 315 20.40 14.92 16.22
N GLY A 316 19.55 13.90 16.29
CA GLY A 316 18.17 14.08 16.74
C GLY A 316 17.70 12.98 17.69
N VAL A 317 16.39 12.99 17.95
CA VAL A 317 15.73 11.98 18.78
C VAL A 317 14.66 11.31 17.92
N VAL A 318 14.05 10.23 18.43
CA VAL A 318 12.96 9.51 17.74
C VAL A 318 12.02 10.45 16.99
N ALA A 319 11.84 10.15 15.70
CA ALA A 319 10.94 10.93 14.85
C ALA A 319 9.50 10.67 15.25
N GLN A 320 8.71 11.74 15.34
CA GLN A 320 7.27 11.65 15.49
C GLN A 320 6.65 11.46 14.10
N LEU A 321 5.41 10.98 14.07
CA LEU A 321 4.68 10.86 12.82
C LEU A 321 4.46 12.21 12.15
N TYR A 322 4.20 12.20 10.85
CA TYR A 322 3.83 13.41 10.13
C TYR A 322 2.66 14.10 10.85
N THR A 323 2.80 15.40 11.05
CA THR A 323 1.87 16.24 11.85
C THR A 323 0.37 15.87 11.80
N PRO A 324 -0.26 15.92 10.60
CA PRO A 324 -1.69 15.61 10.57
C PRO A 324 -2.06 14.13 10.83
N GLU A 325 -1.05 13.27 10.99
CA GLU A 325 -1.25 11.83 11.24
C GLU A 325 -0.93 11.39 12.67
N ARG A 326 -0.48 12.34 13.50
CA ARG A 326 -0.12 12.07 14.90
C ARG A 326 -1.32 11.72 15.78
N GLU A 327 -2.49 12.23 15.39
CA GLU A 327 -3.76 11.99 16.08
C GLU A 327 -4.21 10.53 16.00
N LYS A 328 -3.61 9.79 15.07
CA LYS A 328 -4.05 8.44 14.73
C LYS A 328 -3.52 7.36 15.68
N THR A 329 -2.65 7.75 16.60
CA THR A 329 -2.06 6.83 17.57
C THR A 329 -1.86 7.49 18.93
N GLU A 330 -1.85 6.68 19.98
CA GLU A 330 -1.65 7.16 21.35
C GLU A 330 -0.38 6.62 22.00
N ALA A 331 0.42 5.91 21.22
CA ALA A 331 1.72 5.40 21.69
C ALA A 331 2.66 6.54 22.07
N TYR A 332 3.38 6.38 23.18
CA TYR A 332 4.42 7.35 23.57
C TYR A 332 5.70 7.03 22.79
N GLU A 333 6.56 8.02 22.62
CA GLU A 333 7.78 7.81 21.82
C GLU A 333 8.80 6.93 22.52
N GLY A 334 9.40 6.02 21.74
CA GLY A 334 10.33 5.03 22.25
C GLY A 334 9.67 3.78 22.81
N GLU A 335 8.34 3.77 22.89
CA GLU A 335 7.58 2.62 23.36
C GLU A 335 7.97 1.28 22.70
N PHE A 336 8.17 1.31 21.38
CA PHE A 336 8.42 0.09 20.63
C PHE A 336 9.90 -0.09 20.30
N LYS A 337 10.76 0.65 20.99
CA LYS A 337 12.19 0.61 20.76
C LYS A 337 12.80 -0.74 21.16
N LEU A 338 13.57 -1.32 20.25
CA LEU A 338 14.20 -2.63 20.49
C LEU A 338 15.71 -2.53 20.66
N LYS A 339 16.28 -3.52 21.34
CA LYS A 339 17.74 -3.66 21.44
C LYS A 339 18.29 -4.07 20.07
N THR A 340 19.60 -3.95 19.91
CA THR A 340 20.28 -4.19 18.62
C THR A 340 19.93 -5.52 17.96
N ASN A 341 20.16 -6.63 18.66
CA ASN A 341 19.91 -7.94 18.11
C ASN A 341 18.41 -8.17 17.84
N GLN A 342 17.57 -7.73 18.77
CA GLN A 342 16.12 -7.79 18.60
C GLN A 342 15.66 -7.01 17.37
N ARG A 343 16.21 -5.80 17.19
CA ARG A 343 15.88 -4.96 16.02
C ARG A 343 16.30 -5.64 14.72
N LYS A 344 17.47 -6.26 14.72
CA LYS A 344 17.94 -7.08 13.58
C LYS A 344 16.95 -8.17 13.19
N VAL A 345 16.45 -8.91 14.18
CA VAL A 345 15.42 -9.97 13.97
C VAL A 345 14.09 -9.38 13.43
N PHE A 346 13.60 -8.32 14.07
CA PHE A 346 12.46 -7.53 13.59
C PHE A 346 12.58 -7.13 12.10
N SER A 347 13.69 -6.50 11.73
CA SER A 347 14.01 -6.13 10.33
C SER A 347 13.84 -7.25 9.34
N GLU A 348 14.43 -8.39 9.66
CA GLU A 348 14.49 -9.50 8.72
C GLU A 348 13.20 -10.31 8.69
N LEU A 349 12.51 -10.35 9.82
CA LEU A 349 11.17 -10.96 9.87
C LEU A 349 10.23 -10.24 8.92
N ILE A 350 10.37 -8.92 8.81
CA ILE A 350 9.61 -8.13 7.84
C ILE A 350 10.21 -8.28 6.43
N ARG A 351 11.48 -7.94 6.32
CA ARG A 351 12.15 -7.82 5.03
C ARG A 351 12.23 -9.14 4.25
N THR A 352 12.63 -10.21 4.93
CA THR A 352 12.84 -11.50 4.27
C THR A 352 11.72 -12.48 4.59
N GLY A 353 11.27 -12.49 5.85
CA GLY A 353 10.21 -13.38 6.28
C GLY A 353 8.83 -12.99 5.76
N ASP A 354 8.72 -11.75 5.26
CA ASP A 354 7.46 -11.13 4.79
C ASP A 354 6.32 -11.12 5.83
N LEU A 355 6.68 -11.12 7.11
CA LEU A 355 5.70 -11.00 8.19
C LEU A 355 5.16 -9.58 8.28
N PRO A 356 3.87 -9.40 8.67
CA PRO A 356 3.40 -8.05 8.99
C PRO A 356 4.23 -7.47 10.15
N VAL A 357 4.39 -6.15 10.15
CA VAL A 357 5.16 -5.43 11.18
C VAL A 357 4.79 -5.81 12.61
N TRP A 358 3.48 -5.82 12.91
CA TRP A 358 3.00 -6.09 14.27
C TRP A 358 3.44 -7.46 14.74
N LEU A 359 3.32 -8.44 13.83
CA LEU A 359 3.68 -9.81 14.11
C LEU A 359 5.19 -9.96 14.31
N ALA A 360 5.96 -9.34 13.41
CA ALA A 360 7.42 -9.32 13.49
C ALA A 360 7.86 -8.72 14.82
N PHE A 361 7.10 -7.70 15.27
CA PHE A 361 7.41 -7.07 16.54
C PHE A 361 7.24 -8.00 17.76
N GLN A 362 6.16 -8.77 17.79
CA GLN A 362 5.90 -9.68 18.93
C GLN A 362 6.96 -10.77 19.01
N VAL A 363 7.39 -11.30 17.86
CA VAL A 363 8.39 -12.37 17.84
C VAL A 363 9.74 -11.84 18.35
N ALA A 364 10.15 -10.71 17.81
CA ALA A 364 11.47 -10.15 18.10
C ALA A 364 11.59 -9.68 19.54
N SER A 365 10.56 -8.98 20.01
CA SER A 365 10.58 -8.49 21.38
C SER A 365 10.45 -9.62 22.41
N ALA A 366 10.02 -10.80 21.97
CA ALA A 366 10.00 -11.99 22.81
C ALA A 366 11.37 -12.67 22.84
N ASN A 367 12.34 -12.12 22.11
CA ASN A 367 13.72 -12.64 22.06
C ASN A 367 13.87 -13.94 21.30
N VAL A 368 12.93 -14.19 20.39
CA VAL A 368 13.03 -15.34 19.50
C VAL A 368 14.08 -15.02 18.44
N GLU A 369 14.95 -15.99 18.14
CA GLU A 369 15.92 -15.81 17.05
C GLU A 369 15.21 -15.96 15.69
N TYR A 370 15.75 -15.31 14.67
CA TYR A 370 15.17 -15.32 13.33
C TYR A 370 14.89 -16.73 12.79
N HIS A 371 15.86 -17.64 12.96
CA HIS A 371 15.81 -19.00 12.42
C HIS A 371 14.87 -19.97 13.18
N ASP A 372 14.40 -19.54 14.35
CA ASP A 372 13.66 -20.39 15.29
C ASP A 372 12.15 -20.24 15.04
N ARG A 373 11.57 -21.22 14.36
CA ARG A 373 10.18 -21.12 13.93
C ARG A 373 9.20 -21.89 14.79
N LYS A 374 9.60 -22.31 15.99
CA LYS A 374 8.68 -23.10 16.82
C LYS A 374 7.46 -22.30 17.33
N TRP A 375 7.60 -20.98 17.39
CA TRP A 375 6.50 -20.10 17.78
C TRP A 375 5.30 -20.17 16.82
N CYS A 376 5.52 -20.71 15.62
CA CYS A 376 4.49 -20.86 14.61
C CYS A 376 3.55 -22.05 14.90
N PHE A 377 3.92 -22.88 15.87
CA PHE A 377 3.22 -24.15 16.11
C PHE A 377 2.82 -24.37 17.56
N ASP A 378 3.44 -23.64 18.47
CA ASP A 378 3.30 -23.93 19.89
C ASP A 378 2.44 -22.93 20.66
N GLY A 379 1.62 -22.15 19.96
CA GLY A 379 0.64 -21.28 20.62
C GLY A 379 -0.50 -22.02 21.32
N PRO A 380 -1.45 -21.29 21.92
CA PRO A 380 -2.58 -21.97 22.54
C PRO A 380 -3.61 -22.41 21.48
N ASN A 381 -4.47 -23.35 21.85
CA ASN A 381 -5.43 -23.94 20.91
C ASN A 381 -6.34 -22.92 20.23
N GLU A 382 -6.61 -21.82 20.93
CA GLU A 382 -7.44 -20.74 20.37
C GLU A 382 -6.78 -20.04 19.20
N HIS A 383 -5.48 -20.27 19.01
CA HIS A 383 -4.70 -19.69 17.92
C HIS A 383 -4.53 -20.64 16.73
N LEU A 384 -5.23 -21.77 16.74
CA LEU A 384 -5.28 -22.67 15.58
C LEU A 384 -5.77 -21.92 14.35
N LEU A 385 -4.96 -21.92 13.29
CA LEU A 385 -5.33 -21.24 12.07
C LEU A 385 -6.25 -22.12 11.25
N LEU A 386 -7.21 -21.49 10.59
CA LEU A 386 -8.18 -22.19 9.78
C LEU A 386 -8.28 -21.56 8.40
N GLU A 387 -8.49 -22.40 7.40
CA GLU A 387 -8.68 -21.96 6.03
C GLU A 387 -9.65 -22.94 5.40
N ASN A 388 -10.69 -22.40 4.77
CA ASN A 388 -11.82 -23.20 4.30
C ASN A 388 -12.33 -24.08 5.45
N ASN A 389 -12.32 -23.51 6.65
CA ASN A 389 -12.78 -24.14 7.90
C ASN A 389 -11.92 -25.31 8.43
N GLN A 390 -10.71 -25.46 7.89
CA GLN A 390 -9.85 -26.57 8.25
C GLN A 390 -8.47 -26.09 8.70
N GLU A 391 -7.85 -26.88 9.58
CA GLU A 391 -6.51 -26.63 10.05
C GLU A 391 -5.50 -26.73 8.90
N ILE A 392 -4.32 -26.18 9.11
CA ILE A 392 -3.26 -26.16 8.11
C ILE A 392 -2.06 -27.03 8.54
N GLU A 393 -1.97 -28.22 7.95
CA GLU A 393 -0.84 -29.15 8.10
C GLU A 393 0.37 -28.60 7.37
N VAL A 394 1.47 -28.43 8.10
CA VAL A 394 2.75 -28.01 7.50
C VAL A 394 3.75 -29.14 7.72
N TRP A 395 4.92 -29.02 7.09
CA TRP A 395 6.03 -29.95 7.34
C TRP A 395 7.34 -29.16 7.38
N THR A 396 7.94 -29.12 8.56
CA THR A 396 9.15 -28.36 8.86
C THR A 396 10.37 -28.94 8.13
N ARG A 397 11.51 -28.28 8.26
CA ARG A 397 12.76 -28.72 7.60
C ARG A 397 13.12 -30.18 7.90
N GLN A 398 12.83 -30.63 9.13
CA GLN A 398 13.09 -32.01 9.55
C GLN A 398 11.98 -32.97 9.07
N GLY A 399 10.87 -32.41 8.60
CA GLY A 399 9.70 -33.19 8.24
C GLY A 399 8.91 -33.51 9.48
N GLN A 400 8.16 -32.54 9.98
CA GLN A 400 7.42 -32.69 11.23
C GLN A 400 5.91 -32.46 11.03
N ARG A 401 5.08 -33.42 11.48
CA ARG A 401 3.61 -33.24 11.50
C ARG A 401 3.15 -32.16 12.50
N ARG A 402 2.98 -30.94 12.01
CA ARG A 402 2.59 -29.80 12.86
C ARG A 402 1.53 -28.94 12.18
N VAL A 403 0.51 -28.56 12.93
CA VAL A 403 -0.48 -27.63 12.43
C VAL A 403 -0.07 -26.19 12.80
N LEU A 404 -0.48 -25.24 11.97
CA LEU A 404 -0.20 -23.83 12.20
C LEU A 404 -1.03 -23.33 13.38
N LYS A 405 -0.34 -22.78 14.38
CA LYS A 405 -0.95 -22.39 15.65
C LYS A 405 0.04 -21.43 16.34
N PRO A 406 0.10 -20.18 15.85
CA PRO A 406 1.15 -19.26 16.30
C PRO A 406 0.93 -18.70 17.70
N ARG A 407 2.03 -18.45 18.40
CA ARG A 407 2.02 -17.85 19.72
C ARG A 407 1.28 -16.50 19.72
N TRP A 408 1.42 -15.74 18.62
CA TRP A 408 0.71 -14.46 18.44
C TRP A 408 -0.17 -14.53 17.19
N LEU A 409 -1.42 -14.09 17.34
CA LEU A 409 -2.41 -14.22 16.28
C LEU A 409 -2.56 -12.95 15.43
N ASP A 410 -2.11 -13.02 14.18
CA ASP A 410 -2.30 -11.95 13.20
C ASP A 410 -3.21 -12.53 12.11
N GLY A 411 -4.43 -12.00 11.98
CA GLY A 411 -5.39 -12.48 10.99
C GLY A 411 -4.93 -12.41 9.53
N ARG A 412 -3.86 -11.66 9.26
CA ARG A 412 -3.38 -11.49 7.89
C ARG A 412 -2.74 -12.75 7.33
N ILE A 413 -2.32 -13.66 8.21
CA ILE A 413 -1.74 -14.95 7.79
C ILE A 413 -2.70 -15.72 6.88
N THR A 414 -3.99 -15.65 7.16
CA THR A 414 -4.98 -16.44 6.42
C THR A 414 -5.98 -15.58 5.65
N SER A 415 -5.72 -14.27 5.54
CA SER A 415 -6.65 -13.34 4.87
C SER A 415 -6.76 -13.57 3.35
N ASP A 416 -5.70 -14.10 2.75
CA ASP A 416 -5.74 -14.57 1.37
C ASP A 416 -4.65 -15.61 1.13
N HIS A 417 -4.63 -16.18 -0.07
CA HIS A 417 -3.78 -17.32 -0.38
C HIS A 417 -2.30 -16.93 -0.49
N LEU A 418 -2.04 -15.70 -0.89
CA LEU A 418 -0.68 -15.18 -0.98
C LEU A 418 -0.02 -15.07 0.41
N ASN A 419 -0.77 -14.55 1.39
CA ASN A 419 -0.26 -14.45 2.75
C ASN A 419 -0.06 -15.81 3.39
N LEU A 420 -1.01 -16.71 3.17
CA LEU A 420 -0.91 -18.06 3.72
C LEU A 420 0.24 -18.86 3.10
N LYS A 421 0.39 -18.83 1.78
CA LYS A 421 1.52 -19.52 1.15
C LYS A 421 2.84 -19.02 1.74
N SER A 422 3.02 -17.70 1.78
CA SER A 422 4.21 -17.05 2.34
C SER A 422 4.47 -17.42 3.81
N PHE A 423 3.44 -17.39 4.65
CA PHE A 423 3.60 -17.83 6.04
C PHE A 423 3.90 -19.33 6.19
N LYS A 424 3.34 -20.16 5.29
CA LYS A 424 3.62 -21.60 5.32
C LYS A 424 5.08 -21.87 5.03
N GLU A 425 5.62 -21.16 4.03
CA GLU A 425 7.03 -21.22 3.67
C GLU A 425 7.93 -20.77 4.82
N PHE A 426 7.56 -19.68 5.49
CA PHE A 426 8.28 -19.20 6.68
C PHE A 426 8.25 -20.22 7.83
N ALA A 427 7.06 -20.68 8.19
CA ALA A 427 6.92 -21.66 9.26
C ALA A 427 7.74 -22.94 8.99
N SER A 428 7.92 -23.27 7.71
CA SER A 428 8.73 -24.41 7.25
C SER A 428 10.24 -24.22 7.30
N GLY A 429 10.69 -22.99 7.56
CA GLY A 429 12.12 -22.69 7.57
C GLY A 429 12.68 -22.46 6.19
N LYS A 430 11.83 -22.07 5.24
CA LYS A 430 12.25 -21.82 3.87
C LYS A 430 13.09 -20.54 3.68
N ARG A 431 12.69 -19.45 4.35
CA ARG A 431 13.42 -18.17 4.26
C ARG A 431 14.20 -17.90 5.55
#